data_6Y6Z
#
_entry.id   6Y6Z
#
_cell.length_a   69.101
_cell.length_b   83.142
_cell.length_c   90.135
_cell.angle_alpha   90.000
_cell.angle_beta   90.000
_cell.angle_gamma   90.000
#
_symmetry.space_group_name_H-M   'P 21 21 21'
#
loop_
_entity.id
_entity.type
_entity.pdbx_description
1 polymer 'Peptidoglycan D,D-transpeptidase FtsI'
2 non-polymer '~{tert}-butyl ~{N}-[(2~{S})-2-methyl-4-oxidanyl-1-oxidanylidene-pent-4-en-2-yl]carbamate'
3 non-polymer GLYCEROL
4 water water
#
_entity_poly.entity_id   1
_entity_poly.type   'polypeptide(L)'
_entity_poly.pdbx_seq_one_letter_code
;GPGYQDPARSVRHIAIPAHRGLITDRNGEPLAVSTPVTTLWANPKELMTAKERWPQLAAALGQDTKLFADRIEQNAEREF
IYLVRGLTPEQGEGVIALKVPGVYSIEEFRRFYPAGEVVAHAVGFTDVDDRGREGIELAFDEWLAGVPGKRQVLKDRRGR
VIKDVQVTKNAKPGKTLALSIDLRLQYLAHRELRNALLENGAKAGSLVIMDVKTGEILAMTNQPTYNPNNRRNLQPAAMR
NRAMIDVFEPGSTVKPFSMSAALASGRWKPSDIVDVYPGTLQIGRYTIRDVSRNSRQLDLTGILIKSSNVGISKIAFDIG
AESIYSVMQQVGLGQDTGLGFPGERVGNLPNHRKWPKAETATLAYGYGLSVTAIQLAHAYAALANDGKSVPLSMTRVDRV
PDGVQVISPEVASTVQGMLQQVVEAQGGVFRAQVPGYHAAGKSGTARKVSVGTKGYRENAYRSLFAGFAPATDPRIAMVV
VIDEPSKAGYFGGLVSAPVFSKVMAGALRLMNVPPDNLPTA
;
_entity_poly.pdbx_strand_id   A
#
loop_
_chem_comp.id
_chem_comp.type
_chem_comp.name
_chem_comp.formula
GOL non-polymer GLYCEROL 'C3 H8 O3'
OEE non-polymer '~{tert}-butyl ~{N}-[(2~{S})-2-methyl-4-oxidanyl-1-oxidanylidene-pent-4-en-2-yl]carbamate' 'C11 H19 N O4'
#
# COMPACT_ATOMS: atom_id res chain seq x y z
N ASP A 6 -27.48 39.99 -26.99
CA ASP A 6 -26.50 38.88 -27.20
C ASP A 6 -25.32 39.41 -28.04
N PRO A 7 -24.05 39.20 -27.60
CA PRO A 7 -22.91 39.93 -28.16
C PRO A 7 -22.42 39.46 -29.54
N ALA A 8 -21.91 40.39 -30.35
CA ALA A 8 -21.48 40.12 -31.74
C ALA A 8 -20.12 39.43 -31.70
N ARG A 9 -19.41 39.53 -30.57
CA ARG A 9 -18.06 38.96 -30.40
C ARG A 9 -17.77 38.87 -28.90
N SER A 10 -16.71 38.15 -28.52
CA SER A 10 -16.27 38.05 -27.11
C SER A 10 -14.78 37.67 -27.04
N VAL A 11 -14.19 37.97 -25.90
CA VAL A 11 -12.74 37.67 -25.70
C VAL A 11 -12.61 36.97 -24.35
N ARG A 12 -11.73 35.97 -24.33
CA ARG A 12 -11.67 34.97 -23.25
C ARG A 12 -10.20 34.58 -23.11
N HIS A 13 -9.67 34.68 -21.90
CA HIS A 13 -8.41 34.02 -21.49
C HIS A 13 -8.75 32.56 -21.17
N ILE A 14 -8.10 31.61 -21.86
CA ILE A 14 -8.34 30.13 -21.74
C ILE A 14 -7.03 29.41 -21.39
N ALA A 15 -7.17 28.32 -20.64
CA ALA A 15 -6.10 27.47 -20.07
C ALA A 15 -5.35 26.76 -21.21
N ILE A 16 -4.03 26.64 -21.09
CA ILE A 16 -3.18 25.71 -21.91
C ILE A 16 -2.77 24.56 -20.99
N PRO A 17 -3.41 23.37 -21.08
CA PRO A 17 -3.12 22.26 -20.16
C PRO A 17 -1.65 21.84 -20.18
N ALA A 18 -1.14 21.42 -19.02
CA ALA A 18 0.27 21.03 -18.79
C ALA A 18 0.38 19.50 -18.85
N HIS A 19 1.50 18.97 -19.37
CA HIS A 19 1.76 17.51 -19.44
C HIS A 19 2.11 16.98 -18.03
N ARG A 20 1.32 16.03 -17.54
CA ARG A 20 1.51 15.44 -16.18
C ARG A 20 2.82 14.63 -16.12
N GLY A 21 3.54 14.75 -14.99
CA GLY A 21 4.82 14.06 -14.78
C GLY A 21 4.69 12.54 -14.78
N LEU A 22 5.72 11.90 -15.30
CA LEU A 22 5.93 10.43 -15.32
C LEU A 22 6.11 9.95 -13.86
N ILE A 23 5.36 8.95 -13.44
CA ILE A 23 5.69 8.17 -12.21
C ILE A 23 6.48 6.95 -12.67
N THR A 24 7.64 6.73 -12.04
CA THR A 24 8.46 5.53 -12.29
C THR A 24 8.64 4.76 -10.98
N ASP A 25 9.14 3.54 -11.13
CA ASP A 25 9.67 2.78 -9.96
C ASP A 25 11.04 3.38 -9.65
N ARG A 26 11.73 2.71 -8.73
CA ARG A 26 12.98 3.28 -8.18
C ARG A 26 14.07 3.27 -9.25
N ASN A 27 13.95 2.44 -10.30
CA ASN A 27 14.97 2.25 -11.36
C ASN A 27 14.50 2.86 -12.70
N GLY A 28 13.43 3.65 -12.66
CA GLY A 28 12.92 4.39 -13.83
C GLY A 28 11.96 3.58 -14.67
N GLU A 29 11.51 2.40 -14.21
CA GLU A 29 10.44 1.66 -14.95
C GLU A 29 9.14 2.47 -14.88
N PRO A 30 8.47 2.73 -16.03
CA PRO A 30 7.27 3.58 -16.03
C PRO A 30 6.10 2.89 -15.30
N LEU A 31 5.42 3.61 -14.41
CA LEU A 31 4.19 3.12 -13.71
C LEU A 31 2.95 3.94 -14.08
N ALA A 32 3.12 5.21 -14.43
CA ALA A 32 2.03 6.13 -14.79
C ALA A 32 2.58 7.18 -15.76
N VAL A 33 1.98 7.18 -16.98
CA VAL A 33 2.47 8.02 -18.09
C VAL A 33 1.27 8.64 -18.83
N SER A 34 1.39 9.94 -19.07
CA SER A 34 0.39 10.77 -19.78
C SER A 34 0.69 10.72 -21.26
N THR A 35 -0.24 10.17 -22.05
CA THR A 35 -0.11 9.97 -23.51
C THR A 35 -1.28 10.62 -24.20
N PRO A 36 -1.08 11.12 -25.44
CA PRO A 36 -2.11 11.88 -26.14
C PRO A 36 -3.18 10.92 -26.66
N VAL A 37 -4.44 11.26 -26.37
CA VAL A 37 -5.67 10.68 -26.99
C VAL A 37 -6.38 11.77 -27.77
N THR A 38 -7.27 11.39 -28.69
CA THR A 38 -7.99 12.34 -29.56
C THR A 38 -9.42 12.51 -29.00
N THR A 39 -9.82 13.77 -28.79
CA THR A 39 -11.15 14.19 -28.32
C THR A 39 -11.86 14.98 -29.43
N LEU A 40 -13.07 14.54 -29.73
CA LEU A 40 -14.02 15.24 -30.65
C LEU A 40 -15.00 16.05 -29.81
N TRP A 41 -15.11 17.35 -30.11
CA TRP A 41 -16.11 18.25 -29.50
C TRP A 41 -16.83 19.02 -30.61
N ALA A 42 -17.91 19.70 -30.22
CA ALA A 42 -18.76 20.45 -31.15
C ALA A 42 -19.25 21.73 -30.50
N ASN A 43 -19.46 22.73 -31.36
CA ASN A 43 -20.13 24.01 -31.03
C ASN A 43 -21.54 23.90 -31.61
N PRO A 44 -22.57 23.65 -30.77
CA PRO A 44 -23.94 23.49 -31.26
C PRO A 44 -24.45 24.64 -32.14
N LYS A 45 -24.07 25.86 -31.77
CA LYS A 45 -24.48 27.06 -32.54
C LYS A 45 -24.05 26.88 -34.00
N GLU A 46 -22.90 26.24 -34.25
CA GLU A 46 -22.45 25.97 -35.63
C GLU A 46 -23.16 24.73 -36.17
N LEU A 47 -23.23 23.66 -35.37
CA LEU A 47 -23.99 22.44 -35.77
C LEU A 47 -25.40 22.79 -36.25
N MET A 48 -26.08 23.72 -35.59
CA MET A 48 -27.47 24.15 -35.89
C MET A 48 -27.60 24.72 -37.30
N THR A 49 -26.50 25.07 -37.96
CA THR A 49 -26.47 25.64 -39.34
C THR A 49 -26.34 24.50 -40.38
N ALA A 50 -26.11 23.25 -39.94
CA ALA A 50 -25.74 22.12 -40.84
C ALA A 50 -26.48 20.81 -40.47
N LYS A 51 -27.81 20.89 -40.31
CA LYS A 51 -28.61 19.73 -39.81
C LYS A 51 -28.53 18.57 -40.80
N GLU A 52 -28.39 18.83 -42.11
CA GLU A 52 -28.35 17.73 -43.10
C GLU A 52 -27.15 16.81 -42.85
N ARG A 53 -26.16 17.28 -42.08
CA ARG A 53 -24.91 16.54 -41.85
C ARG A 53 -25.05 15.68 -40.60
N TRP A 54 -25.99 16.01 -39.71
CA TRP A 54 -26.18 15.35 -38.38
C TRP A 54 -26.28 13.83 -38.50
N PRO A 55 -27.15 13.23 -39.36
CA PRO A 55 -27.30 11.77 -39.35
C PRO A 55 -26.00 11.03 -39.69
N GLN A 56 -25.21 11.56 -40.62
CA GLN A 56 -23.90 11.01 -41.05
C GLN A 56 -22.95 11.06 -39.83
N LEU A 57 -23.03 12.16 -39.09
CA LEU A 57 -22.23 12.40 -37.86
C LEU A 57 -22.68 11.43 -36.75
N ALA A 58 -24.00 11.35 -36.51
CA ALA A 58 -24.62 10.40 -35.55
C ALA A 58 -24.08 8.99 -35.82
N ALA A 59 -24.16 8.55 -37.08
CA ALA A 59 -23.72 7.20 -37.51
C ALA A 59 -22.23 7.03 -37.20
N ALA A 60 -21.39 8.02 -37.56
CA ALA A 60 -19.93 7.90 -37.39
C ALA A 60 -19.59 7.74 -35.90
N LEU A 61 -20.44 8.29 -35.01
CA LEU A 61 -20.28 8.27 -33.54
C LEU A 61 -20.98 7.05 -32.90
N GLY A 62 -21.58 6.19 -33.70
CA GLY A 62 -22.37 5.03 -33.23
C GLY A 62 -23.60 5.45 -32.45
N GLN A 63 -24.17 6.64 -32.72
CA GLN A 63 -25.38 7.14 -31.99
C GLN A 63 -26.60 7.01 -32.90
N ASP A 64 -27.75 6.73 -32.30
CA ASP A 64 -29.07 6.77 -32.98
C ASP A 64 -29.31 8.19 -33.48
N THR A 65 -29.82 8.35 -34.72
CA THR A 65 -29.96 9.67 -35.37
C THR A 65 -30.92 10.51 -34.51
N LYS A 66 -32.00 9.93 -33.98
CA LYS A 66 -33.02 10.74 -33.24
C LYS A 66 -32.45 11.27 -31.92
N LEU A 67 -31.79 10.42 -31.16
CA LEU A 67 -31.24 10.76 -29.83
C LEU A 67 -30.16 11.85 -30.03
N PHE A 68 -29.32 11.71 -31.05
CA PHE A 68 -28.26 12.69 -31.39
C PHE A 68 -28.92 14.04 -31.70
N ALA A 69 -29.88 14.04 -32.63
CA ALA A 69 -30.55 15.30 -33.00
C ALA A 69 -31.20 15.97 -31.78
N ASP A 70 -31.93 15.22 -30.93
CA ASP A 70 -32.50 15.75 -29.65
C ASP A 70 -31.39 16.33 -28.78
N ARG A 71 -30.21 15.69 -28.73
CA ARG A 71 -29.07 16.19 -27.92
C ARG A 71 -28.62 17.56 -28.45
N ILE A 72 -28.41 17.68 -29.75
CA ILE A 72 -27.92 18.96 -30.31
C ILE A 72 -29.01 20.02 -30.09
N GLU A 73 -30.27 19.69 -30.32
CA GLU A 73 -31.37 20.68 -30.17
C GLU A 73 -31.42 21.20 -28.74
N GLN A 74 -31.19 20.33 -27.75
CA GLN A 74 -31.41 20.69 -26.33
C GLN A 74 -30.21 21.52 -25.86
N ASN A 75 -29.16 21.60 -26.68
CA ASN A 75 -27.89 22.30 -26.35
C ASN A 75 -27.64 23.41 -27.37
N ALA A 76 -28.69 23.90 -28.03
CA ALA A 76 -28.65 24.83 -29.18
C ALA A 76 -28.03 26.17 -28.77
N GLU A 77 -28.16 26.53 -27.49
CA GLU A 77 -27.67 27.83 -26.93
C GLU A 77 -26.26 27.69 -26.32
N ARG A 78 -25.67 26.49 -26.28
CA ARG A 78 -24.29 26.31 -25.75
C ARG A 78 -23.28 26.38 -26.90
N GLU A 79 -22.04 26.70 -26.56
CA GLU A 79 -20.90 26.83 -27.51
C GLU A 79 -19.96 25.62 -27.41
N PHE A 80 -20.22 24.71 -26.47
CA PHE A 80 -19.31 23.56 -26.23
C PHE A 80 -20.12 22.35 -25.76
N ILE A 81 -19.91 21.21 -26.42
CA ILE A 81 -20.22 19.88 -25.85
C ILE A 81 -19.13 18.93 -26.33
N TYR A 82 -18.88 17.91 -25.52
CA TYR A 82 -18.07 16.73 -25.93
C TYR A 82 -18.92 15.85 -26.83
N LEU A 83 -18.32 15.30 -27.89
CA LEU A 83 -18.96 14.23 -28.69
C LEU A 83 -18.43 12.91 -28.12
N VAL A 84 -17.11 12.80 -28.03
CA VAL A 84 -16.47 11.54 -27.56
C VAL A 84 -15.02 11.86 -27.21
N ARG A 85 -14.61 11.34 -26.05
CA ARG A 85 -13.27 11.60 -25.45
C ARG A 85 -12.45 10.32 -25.60
N GLY A 86 -11.18 10.46 -25.98
CA GLY A 86 -10.17 9.38 -25.88
C GLY A 86 -10.15 8.43 -27.07
N LEU A 87 -10.34 8.91 -28.28
CA LEU A 87 -10.12 8.12 -29.52
C LEU A 87 -8.63 8.05 -29.85
N THR A 88 -8.31 7.20 -30.83
CA THR A 88 -7.05 7.19 -31.62
C THR A 88 -7.11 8.30 -32.67
N PRO A 89 -5.97 8.75 -33.23
CA PRO A 89 -5.97 9.81 -34.25
C PRO A 89 -6.75 9.41 -35.51
N GLU A 90 -6.61 8.14 -35.92
CA GLU A 90 -7.32 7.54 -37.10
C GLU A 90 -8.85 7.69 -36.91
N GLN A 91 -9.34 7.37 -35.70
CA GLN A 91 -10.78 7.41 -35.32
C GLN A 91 -11.29 8.85 -35.41
N GLY A 92 -10.54 9.80 -34.84
CA GLY A 92 -10.73 11.26 -35.01
C GLY A 92 -10.85 11.66 -36.48
N GLU A 93 -9.82 11.38 -37.28
CA GLU A 93 -9.66 11.82 -38.68
C GLU A 93 -10.78 11.23 -39.55
N GLY A 94 -11.22 10.00 -39.25
CA GLY A 94 -12.41 9.38 -39.88
C GLY A 94 -13.64 10.27 -39.75
N VAL A 95 -13.89 10.80 -38.55
CA VAL A 95 -15.03 11.74 -38.28
C VAL A 95 -14.68 13.11 -38.88
N ILE A 96 -13.49 13.63 -38.59
CA ILE A 96 -13.06 14.96 -39.12
C ILE A 96 -13.20 14.96 -40.65
N ALA A 97 -13.09 13.80 -41.34
CA ALA A 97 -13.15 13.71 -42.82
C ALA A 97 -14.55 14.09 -43.33
N LEU A 98 -15.57 14.05 -42.47
CA LEU A 98 -16.97 14.39 -42.87
C LEU A 98 -17.07 15.90 -43.06
N LYS A 99 -16.10 16.65 -42.54
CA LYS A 99 -16.00 18.12 -42.66
C LYS A 99 -17.33 18.69 -42.18
N VAL A 100 -17.85 18.17 -41.05
CA VAL A 100 -19.12 18.74 -40.51
C VAL A 100 -18.80 20.08 -39.86
N PRO A 101 -19.54 21.17 -40.18
CA PRO A 101 -19.35 22.46 -39.50
C PRO A 101 -19.68 22.39 -38.01
N GLY A 102 -18.79 22.95 -37.20
CA GLY A 102 -18.92 23.01 -35.73
C GLY A 102 -18.37 21.77 -35.05
N VAL A 103 -17.70 20.88 -35.78
CA VAL A 103 -17.10 19.65 -35.20
C VAL A 103 -15.58 19.80 -35.22
N TYR A 104 -14.91 19.50 -34.10
CA TYR A 104 -13.49 19.84 -33.90
C TYR A 104 -12.84 18.69 -33.14
N SER A 105 -11.57 18.42 -33.45
CA SER A 105 -10.73 17.47 -32.68
C SER A 105 -9.60 18.24 -32.02
N ILE A 106 -9.25 17.79 -30.82
CA ILE A 106 -8.13 18.26 -29.96
C ILE A 106 -7.50 17.01 -29.37
N GLU A 107 -6.17 16.98 -29.27
CA GLU A 107 -5.43 15.93 -28.52
C GLU A 107 -5.41 16.39 -27.06
N GLU A 108 -5.75 15.47 -26.15
CA GLU A 108 -5.61 15.70 -24.70
C GLU A 108 -4.90 14.49 -24.08
N PHE A 109 -4.32 14.71 -22.92
CA PHE A 109 -3.48 13.72 -22.21
C PHE A 109 -4.35 12.82 -21.35
N ARG A 110 -4.04 11.53 -21.41
CA ARG A 110 -4.72 10.49 -20.62
C ARG A 110 -3.65 9.60 -20.00
N ARG A 111 -3.83 9.29 -18.72
CA ARG A 111 -2.91 8.38 -17.99
C ARG A 111 -3.07 6.96 -18.55
N PHE A 112 -1.95 6.28 -18.79
CA PHE A 112 -1.82 4.83 -18.94
C PHE A 112 -0.95 4.27 -17.78
N TYR A 113 -1.27 3.07 -17.32
CA TYR A 113 -0.60 2.35 -16.17
C TYR A 113 -0.04 1.02 -16.71
N PRO A 114 1.24 1.00 -17.16
CA PRO A 114 1.79 -0.14 -17.89
C PRO A 114 1.81 -1.45 -17.09
N ALA A 115 1.88 -1.33 -15.76
CA ALA A 115 1.91 -2.50 -14.86
C ALA A 115 0.50 -2.81 -14.34
N GLY A 116 -0.47 -1.93 -14.63
CA GLY A 116 -1.89 -2.14 -14.33
C GLY A 116 -2.11 -2.60 -12.89
N GLU A 117 -2.66 -3.80 -12.73
CA GLU A 117 -3.22 -4.31 -11.43
C GLU A 117 -2.08 -4.54 -10.44
N VAL A 118 -0.87 -4.72 -10.96
CA VAL A 118 0.29 -5.17 -10.14
C VAL A 118 0.68 -4.07 -9.14
N VAL A 119 0.40 -2.81 -9.44
CA VAL A 119 0.86 -1.67 -8.59
C VAL A 119 -0.27 -0.64 -8.43
N ALA A 120 -1.52 -1.06 -8.64
CA ALA A 120 -2.66 -0.14 -8.72
C ALA A 120 -2.90 0.56 -7.39
N HIS A 121 -2.83 -0.18 -6.30
CA HIS A 121 -3.15 0.36 -4.95
C HIS A 121 -2.14 1.43 -4.58
N ALA A 122 -0.85 1.21 -4.83
CA ALA A 122 0.20 2.23 -4.54
C ALA A 122 0.03 3.44 -5.46
N VAL A 123 0.00 3.21 -6.78
CA VAL A 123 0.04 4.31 -7.78
C VAL A 123 -1.28 5.08 -7.76
N GLY A 124 -2.40 4.37 -7.68
CA GLY A 124 -3.74 4.97 -7.70
C GLY A 124 -4.04 5.41 -9.12
N PHE A 125 -4.74 6.53 -9.28
CA PHE A 125 -5.19 7.01 -10.63
C PHE A 125 -5.66 8.46 -10.65
N THR A 126 -5.94 8.89 -11.91
CA THR A 126 -6.40 10.23 -12.29
C THR A 126 -7.80 10.12 -12.87
N ASP A 127 -8.51 11.24 -12.85
CA ASP A 127 -9.83 11.41 -13.51
C ASP A 127 -9.61 11.73 -15.00
N VAL A 128 -10.73 11.89 -15.72
CA VAL A 128 -10.75 12.13 -17.19
C VAL A 128 -10.02 13.45 -17.50
N ASP A 129 -9.84 14.30 -16.47
CA ASP A 129 -9.20 15.62 -16.58
C ASP A 129 -7.73 15.54 -16.14
N ASP A 130 -7.18 14.32 -15.96
CA ASP A 130 -5.79 13.98 -15.55
C ASP A 130 -5.47 14.63 -14.20
N ARG A 131 -6.45 14.69 -13.31
CA ARG A 131 -6.25 15.10 -11.89
C ARG A 131 -6.20 13.87 -11.00
N GLY A 132 -5.11 13.79 -10.19
CA GLY A 132 -4.83 12.69 -9.23
C GLY A 132 -6.00 12.63 -8.22
N ARG A 133 -6.68 11.45 -8.25
CA ARG A 133 -7.90 11.21 -7.43
C ARG A 133 -7.67 10.07 -6.42
N GLU A 134 -6.62 9.25 -6.58
CA GLU A 134 -6.32 8.15 -5.62
C GLU A 134 -4.80 7.93 -5.49
N GLY A 135 -4.38 7.34 -4.38
CA GLY A 135 -3.01 6.86 -4.15
C GLY A 135 -1.97 7.95 -4.37
N ILE A 136 -0.82 7.56 -4.90
CA ILE A 136 0.33 8.50 -5.15
C ILE A 136 -0.12 9.63 -6.11
N GLU A 137 -0.97 9.29 -7.08
CA GLU A 137 -1.47 10.25 -8.11
C GLU A 137 -2.08 11.50 -7.42
N LEU A 138 -2.78 11.19 -6.28
CA LEU A 138 -3.43 12.24 -5.47
C LEU A 138 -2.41 12.82 -4.48
N ALA A 139 -1.73 11.98 -3.70
CA ALA A 139 -0.80 12.47 -2.64
C ALA A 139 0.23 13.44 -3.23
N PHE A 140 0.71 13.21 -4.47
CA PHE A 140 1.77 14.05 -5.09
C PHE A 140 1.23 14.82 -6.29
N ASP A 141 -0.06 15.15 -6.24
CA ASP A 141 -0.75 15.79 -7.38
C ASP A 141 -0.02 17.10 -7.75
N GLU A 142 0.28 17.93 -6.75
CA GLU A 142 0.91 19.26 -6.96
C GLU A 142 2.22 19.05 -7.73
N TRP A 143 3.05 18.13 -7.27
CA TRP A 143 4.32 17.75 -7.94
C TRP A 143 4.06 17.32 -9.39
N LEU A 144 3.13 16.41 -9.62
CA LEU A 144 2.96 15.76 -10.96
C LEU A 144 2.22 16.67 -11.96
N ALA A 145 1.34 17.55 -11.46
CA ALA A 145 0.32 18.27 -12.28
C ALA A 145 1.00 19.35 -13.13
N GLY A 146 2.09 19.96 -12.68
CA GLY A 146 2.67 21.08 -13.48
C GLY A 146 1.78 22.32 -13.40
N VAL A 147 1.92 23.29 -14.33
CA VAL A 147 1.22 24.60 -14.26
C VAL A 147 0.64 24.91 -15.64
N PRO A 148 -0.70 25.01 -15.78
CA PRO A 148 -1.34 25.32 -17.05
C PRO A 148 -0.86 26.70 -17.52
N GLY A 149 -0.69 26.86 -18.83
CA GLY A 149 -0.48 28.15 -19.48
C GLY A 149 -1.80 28.87 -19.71
N LYS A 150 -1.72 30.04 -20.33
CA LYS A 150 -2.90 30.91 -20.56
C LYS A 150 -2.74 31.59 -21.91
N ARG A 151 -3.86 31.81 -22.55
CA ARG A 151 -3.84 32.53 -23.85
C ARG A 151 -5.24 33.12 -24.11
N GLN A 152 -5.23 34.14 -24.95
CA GLN A 152 -6.39 35.01 -25.21
C GLN A 152 -6.87 34.67 -26.63
N VAL A 153 -8.13 34.28 -26.74
CA VAL A 153 -8.81 34.03 -28.06
C VAL A 153 -9.91 35.07 -28.28
N LEU A 154 -10.13 35.37 -29.56
CA LEU A 154 -11.28 36.15 -30.06
C LEU A 154 -12.29 35.16 -30.65
N LYS A 155 -13.56 35.29 -30.24
CA LYS A 155 -14.66 34.41 -30.68
C LYS A 155 -15.70 35.26 -31.44
N ASP A 156 -16.33 34.71 -32.48
CA ASP A 156 -17.43 35.37 -33.24
C ASP A 156 -18.74 35.22 -32.46
N ARG A 157 -19.88 35.55 -33.08
CA ARG A 157 -21.21 35.62 -32.44
C ARG A 157 -21.69 34.23 -31.99
N ARG A 158 -21.13 33.14 -32.53
CA ARG A 158 -21.53 31.75 -32.16
C ARG A 158 -20.49 31.14 -31.22
N GLY A 159 -19.49 31.91 -30.81
CA GLY A 159 -18.46 31.47 -29.87
C GLY A 159 -17.36 30.72 -30.60
N ARG A 160 -17.38 30.71 -31.93
CA ARG A 160 -16.28 30.16 -32.78
C ARG A 160 -15.01 30.98 -32.56
N VAL A 161 -13.88 30.30 -32.43
CA VAL A 161 -12.53 30.92 -32.27
C VAL A 161 -12.10 31.46 -33.63
N ILE A 162 -11.98 32.79 -33.75
CA ILE A 162 -11.60 33.43 -35.02
C ILE A 162 -10.18 33.99 -34.98
N LYS A 163 -9.54 34.13 -33.82
CA LYS A 163 -8.11 34.54 -33.78
C LYS A 163 -7.48 34.17 -32.44
N ASP A 164 -6.22 33.69 -32.50
CA ASP A 164 -5.32 33.53 -31.33
C ASP A 164 -4.58 34.86 -31.15
N VAL A 165 -4.98 35.65 -30.15
CA VAL A 165 -4.52 37.06 -29.96
C VAL A 165 -3.11 37.05 -29.38
N GLN A 166 -2.93 36.48 -28.18
CA GLN A 166 -1.65 36.50 -27.43
C GLN A 166 -1.60 35.30 -26.49
N VAL A 167 -0.43 34.70 -26.32
CA VAL A 167 -0.14 33.77 -25.19
C VAL A 167 0.47 34.64 -24.09
N THR A 168 -0.16 34.72 -22.91
CA THR A 168 0.37 35.45 -21.73
C THR A 168 1.28 34.56 -20.87
N LYS A 169 1.11 33.23 -20.89
CA LYS A 169 1.89 32.32 -20.02
C LYS A 169 2.02 30.93 -20.68
N ASN A 170 3.25 30.42 -20.82
CA ASN A 170 3.45 29.07 -21.39
C ASN A 170 3.13 28.05 -20.29
N ALA A 171 2.64 26.88 -20.66
CA ALA A 171 2.39 25.77 -19.70
C ALA A 171 3.76 25.30 -19.19
N LYS A 172 3.79 24.83 -17.93
CA LYS A 172 5.00 24.24 -17.30
C LYS A 172 4.65 22.79 -16.94
N PRO A 173 5.37 21.80 -17.50
CA PRO A 173 5.01 20.39 -17.32
C PRO A 173 5.25 19.96 -15.86
N GLY A 174 4.51 18.94 -15.42
CA GLY A 174 4.66 18.31 -14.11
C GLY A 174 6.02 17.61 -14.01
N LYS A 175 6.40 17.18 -12.81
CA LYS A 175 7.75 16.59 -12.57
C LYS A 175 7.67 15.06 -12.42
N THR A 176 8.73 14.41 -12.92
CA THR A 176 8.96 12.96 -12.76
C THR A 176 9.01 12.68 -11.26
N LEU A 177 8.36 11.60 -10.87
CA LEU A 177 8.43 11.04 -9.50
C LEU A 177 8.86 9.58 -9.55
N ALA A 178 9.97 9.28 -8.83
CA ALA A 178 10.50 7.92 -8.74
C ALA A 178 10.05 7.38 -7.38
N LEU A 179 9.22 6.36 -7.39
CA LEU A 179 8.75 5.71 -6.15
C LEU A 179 9.91 4.91 -5.56
N SER A 180 9.76 4.47 -4.31
CA SER A 180 10.71 3.54 -3.62
C SER A 180 10.50 2.12 -4.15
N ILE A 181 9.30 1.83 -4.67
CA ILE A 181 8.93 0.49 -5.20
C ILE A 181 9.99 0.03 -6.18
N ASP A 182 10.34 -1.24 -6.08
CA ASP A 182 11.20 -1.95 -7.04
C ASP A 182 10.25 -2.88 -7.81
N LEU A 183 9.96 -2.52 -9.06
CA LEU A 183 8.86 -3.19 -9.79
C LEU A 183 9.12 -4.69 -9.87
N ARG A 184 10.40 -5.09 -9.95
CA ARG A 184 10.82 -6.52 -9.97
C ARG A 184 10.32 -7.26 -8.72
N LEU A 185 10.54 -6.68 -7.53
CA LEU A 185 10.06 -7.23 -6.23
C LEU A 185 8.54 -7.15 -6.18
N GLN A 186 7.95 -6.04 -6.69
CA GLN A 186 6.47 -5.81 -6.72
C GLN A 186 5.78 -6.94 -7.49
N TYR A 187 6.31 -7.33 -8.66
CA TYR A 187 5.72 -8.41 -9.50
C TYR A 187 5.82 -9.74 -8.76
N LEU A 188 6.96 -9.97 -8.10
CA LEU A 188 7.26 -11.22 -7.36
C LEU A 188 6.26 -11.35 -6.22
N ALA A 189 6.08 -10.28 -5.42
CA ALA A 189 5.12 -10.26 -4.29
C ALA A 189 3.69 -10.43 -4.82
N HIS A 190 3.29 -9.67 -5.85
CA HIS A 190 1.90 -9.68 -6.39
C HIS A 190 1.49 -11.12 -6.71
N ARG A 191 2.38 -11.78 -7.44
CA ARG A 191 2.17 -13.15 -7.97
CA ARG A 191 2.22 -13.16 -7.98
C ARG A 191 2.16 -14.16 -6.81
N GLU A 192 3.06 -14.01 -5.82
CA GLU A 192 3.13 -15.00 -4.73
C GLU A 192 1.92 -14.82 -3.82
N LEU A 193 1.50 -13.58 -3.58
CA LEU A 193 0.33 -13.32 -2.69
C LEU A 193 -0.88 -13.88 -3.43
N ARG A 194 -0.93 -13.69 -4.75
CA ARG A 194 -2.05 -14.22 -5.58
C ARG A 194 -2.09 -15.77 -5.47
N ASN A 195 -0.98 -16.45 -5.76
CA ASN A 195 -0.84 -17.94 -5.67
C ASN A 195 -1.22 -18.43 -4.27
N ALA A 196 -0.89 -17.67 -3.23
CA ALA A 196 -1.19 -18.01 -1.82
C ALA A 196 -2.69 -17.90 -1.53
N LEU A 197 -3.35 -16.85 -2.03
CA LEU A 197 -4.80 -16.56 -1.84
C LEU A 197 -5.61 -17.77 -2.30
N LEU A 198 -5.30 -18.28 -3.49
CA LEU A 198 -6.14 -19.32 -4.13
C LEU A 198 -5.71 -20.68 -3.56
N GLU A 199 -4.47 -20.81 -3.08
CA GLU A 199 -3.99 -22.06 -2.45
C GLU A 199 -4.74 -22.29 -1.12
N ASN A 200 -5.20 -21.23 -0.45
CA ASN A 200 -5.84 -21.28 0.89
C ASN A 200 -7.31 -20.84 0.79
N GLY A 201 -7.85 -20.73 -0.44
CA GLY A 201 -9.18 -20.13 -0.70
C GLY A 201 -9.46 -18.96 0.22
N ALA A 202 -8.54 -17.99 0.27
CA ALA A 202 -8.60 -16.83 1.19
C ALA A 202 -9.31 -15.65 0.51
N LYS A 203 -9.87 -14.76 1.32
CA LYS A 203 -10.73 -13.64 0.85
C LYS A 203 -9.83 -12.50 0.33
N ALA A 204 -8.69 -12.26 0.96
CA ALA A 204 -7.95 -11.00 0.84
C ALA A 204 -6.59 -11.15 1.55
N GLY A 205 -5.64 -10.32 1.13
CA GLY A 205 -4.29 -10.33 1.74
C GLY A 205 -3.50 -9.08 1.42
N SER A 206 -2.42 -8.85 2.17
CA SER A 206 -1.43 -7.80 1.83
C SER A 206 -0.05 -8.38 2.00
N LEU A 207 0.92 -7.79 1.31
CA LEU A 207 2.35 -8.12 1.44
C LEU A 207 3.13 -6.80 1.36
N VAL A 208 3.99 -6.54 2.36
CA VAL A 208 4.84 -5.31 2.39
C VAL A 208 6.29 -5.77 2.49
N ILE A 209 7.15 -5.16 1.68
CA ILE A 209 8.61 -5.35 1.72
C ILE A 209 9.21 -3.98 1.93
N MET A 210 10.11 -3.89 2.91
CA MET A 210 10.75 -2.63 3.29
C MET A 210 12.27 -2.84 3.38
N ASP A 211 13.02 -1.81 3.01
CA ASP A 211 14.49 -1.69 3.14
C ASP A 211 14.75 -1.22 4.56
N VAL A 212 15.33 -2.07 5.40
CA VAL A 212 15.51 -1.76 6.85
C VAL A 212 16.55 -0.65 7.05
N LYS A 213 17.43 -0.39 6.09
CA LYS A 213 18.50 0.65 6.18
C LYS A 213 18.02 2.04 5.72
N THR A 214 17.01 2.10 4.83
CA THR A 214 16.64 3.36 4.14
C THR A 214 15.19 3.78 4.41
N GLY A 215 14.36 2.88 4.92
CA GLY A 215 12.97 3.17 5.31
C GLY A 215 12.08 3.09 4.07
N GLU A 216 12.62 2.60 2.96
CA GLU A 216 11.84 2.64 1.70
C GLU A 216 10.97 1.39 1.58
N ILE A 217 9.75 1.63 1.11
CA ILE A 217 8.78 0.55 0.78
C ILE A 217 9.18 0.03 -0.59
N LEU A 218 9.72 -1.19 -0.65
CA LEU A 218 10.23 -1.75 -1.91
C LEU A 218 9.08 -2.47 -2.64
N ALA A 219 8.12 -3.00 -1.90
CA ALA A 219 6.90 -3.61 -2.50
C ALA A 219 5.72 -3.42 -1.54
N MET A 220 4.52 -3.25 -2.12
CA MET A 220 3.28 -3.12 -1.36
C MET A 220 2.16 -3.61 -2.26
N THR A 221 1.71 -4.84 -2.04
CA THR A 221 0.65 -5.45 -2.89
C THR A 221 -0.53 -5.88 -2.03
N ASN A 222 -1.74 -5.89 -2.61
CA ASN A 222 -2.93 -6.36 -1.87
C ASN A 222 -3.74 -7.21 -2.85
N GLN A 223 -4.50 -8.15 -2.30
CA GLN A 223 -5.59 -8.84 -3.02
C GLN A 223 -6.87 -8.60 -2.24
N PRO A 224 -8.01 -8.39 -2.93
CA PRO A 224 -8.05 -8.33 -4.39
C PRO A 224 -7.55 -7.00 -4.95
N THR A 225 -7.33 -6.95 -6.27
CA THR A 225 -6.83 -5.75 -6.98
C THR A 225 -7.73 -5.51 -8.21
N TYR A 226 -7.34 -4.54 -8.99
CA TYR A 226 -8.18 -4.09 -10.14
C TYR A 226 -7.25 -3.56 -11.22
N ASN A 227 -7.75 -3.51 -12.44
CA ASN A 227 -7.00 -2.92 -13.56
C ASN A 227 -7.36 -1.44 -13.59
N PRO A 228 -6.43 -0.52 -13.25
CA PRO A 228 -6.70 0.92 -13.28
C PRO A 228 -6.95 1.44 -14.71
N ASN A 229 -6.57 0.68 -15.73
CA ASN A 229 -6.77 1.05 -17.17
C ASN A 229 -8.19 0.72 -17.60
N ASN A 230 -8.95 -0.02 -16.81
CA ASN A 230 -10.34 -0.43 -17.17
C ASN A 230 -11.13 -0.59 -15.88
N ARG A 231 -11.60 0.54 -15.33
CA ARG A 231 -12.27 0.61 -14.01
C ARG A 231 -13.79 0.48 -14.17
N ARG A 232 -14.28 -0.19 -15.21
CA ARG A 232 -15.74 -0.19 -15.48
C ARG A 232 -16.48 -0.71 -14.24
N ASN A 233 -16.59 -2.03 -14.04
CA ASN A 233 -17.60 -2.59 -13.09
C ASN A 233 -16.91 -3.16 -11.85
N LEU A 234 -15.94 -2.45 -11.27
CA LEU A 234 -15.07 -3.03 -10.21
C LEU A 234 -15.81 -3.12 -8.87
N GLN A 235 -15.43 -4.10 -8.05
CA GLN A 235 -15.86 -4.20 -6.63
C GLN A 235 -15.24 -3.01 -5.89
N PRO A 236 -15.96 -2.33 -4.96
CA PRO A 236 -15.36 -1.21 -4.24
C PRO A 236 -14.26 -1.75 -3.31
N ALA A 237 -14.42 -3.00 -2.83
CA ALA A 237 -13.41 -3.74 -2.03
C ALA A 237 -12.09 -3.85 -2.82
N ALA A 238 -12.17 -4.03 -4.14
CA ALA A 238 -10.99 -4.34 -4.98
C ALA A 238 -10.03 -3.14 -5.01
N MET A 239 -10.50 -1.93 -4.70
CA MET A 239 -9.66 -0.71 -4.87
C MET A 239 -8.94 -0.32 -3.56
N ARG A 240 -9.16 -1.04 -2.46
CA ARG A 240 -8.62 -0.68 -1.13
CA ARG A 240 -8.62 -0.67 -1.12
C ARG A 240 -7.12 -1.02 -1.06
N ASN A 241 -6.28 -0.02 -0.75
CA ASN A 241 -4.85 -0.24 -0.38
C ASN A 241 -4.83 -0.69 1.09
N ARG A 242 -5.18 -1.96 1.32
CA ARG A 242 -5.44 -2.58 2.66
C ARG A 242 -4.22 -2.41 3.57
N ALA A 243 -3.03 -2.48 2.97
CA ALA A 243 -1.73 -2.39 3.64
C ALA A 243 -1.61 -1.06 4.40
N MET A 244 -2.25 -0.01 3.92
CA MET A 244 -2.23 1.31 4.59
C MET A 244 -3.58 1.72 5.19
N ILE A 245 -4.67 1.15 4.66
N ILE A 245 -4.71 1.19 4.69
CA ILE A 245 -6.08 1.60 4.87
CA ILE A 245 -6.06 1.73 5.05
C ILE A 245 -6.75 0.75 5.93
C ILE A 245 -6.94 0.65 5.68
N ASP A 246 -6.40 -0.54 6.00
CA ASP A 246 -7.07 -1.54 6.85
C ASP A 246 -6.24 -1.71 8.14
N VAL A 247 -6.91 -1.91 9.27
CA VAL A 247 -6.23 -2.09 10.58
C VAL A 247 -6.61 -3.47 11.12
N PHE A 248 -5.69 -4.13 11.83
CA PHE A 248 -5.93 -5.45 12.45
C PHE A 248 -5.17 -5.56 13.77
N GLU A 249 -5.65 -6.49 14.61
CA GLU A 249 -4.94 -6.96 15.83
C GLU A 249 -3.78 -7.82 15.41
N PRO A 250 -2.53 -7.43 15.76
CA PRO A 250 -1.35 -8.12 15.26
C PRO A 250 -1.04 -9.44 15.98
N GLY A 251 -1.69 -9.62 17.13
CA GLY A 251 -1.52 -10.84 17.93
C GLY A 251 -0.07 -11.12 18.20
N SER A 252 0.37 -12.34 17.94
CA SER A 252 1.68 -12.86 18.43
C SER A 252 2.85 -12.18 17.72
N THR A 253 2.61 -11.49 16.59
CA THR A 253 3.70 -10.80 15.86
C THR A 253 4.26 -9.65 16.71
N VAL A 254 3.56 -9.16 17.74
CA VAL A 254 4.09 -8.05 18.58
C VAL A 254 4.84 -8.60 19.81
N LYS A 255 4.94 -9.92 19.97
CA LYS A 255 5.62 -10.50 21.18
C LYS A 255 7.11 -10.12 21.18
N PRO A 256 7.78 -9.93 20.02
CA PRO A 256 9.18 -9.47 20.06
C PRO A 256 9.37 -8.10 20.70
N PHE A 257 8.34 -7.24 20.68
CA PHE A 257 8.39 -5.90 21.31
C PHE A 257 8.15 -6.06 22.83
N SER A 258 7.24 -6.94 23.20
CA SER A 258 7.04 -7.33 24.63
C SER A 258 8.37 -7.82 25.20
N MET A 259 9.08 -8.65 24.45
CA MET A 259 10.37 -9.27 24.84
C MET A 259 11.47 -8.19 24.92
N SER A 260 11.47 -7.24 23.97
CA SER A 260 12.40 -6.08 23.98
C SER A 260 12.23 -5.31 25.28
N ALA A 261 11.00 -5.11 25.70
CA ALA A 261 10.71 -4.40 26.97
C ALA A 261 11.27 -5.25 28.12
N ALA A 262 11.12 -6.59 28.08
CA ALA A 262 11.63 -7.50 29.15
C ALA A 262 13.14 -7.41 29.26
N LEU A 263 13.87 -7.52 28.15
CA LEU A 263 15.36 -7.56 28.17
C LEU A 263 15.93 -6.19 28.55
N ALA A 264 15.22 -5.09 28.26
CA ALA A 264 15.59 -3.72 28.62
C ALA A 264 15.34 -3.45 30.10
N SER A 265 14.52 -4.23 30.81
CA SER A 265 14.03 -3.90 32.16
C SER A 265 15.15 -4.13 33.16
N GLY A 266 16.15 -4.94 32.81
CA GLY A 266 17.20 -5.43 33.71
C GLY A 266 16.77 -6.69 34.43
N ARG A 267 15.51 -7.15 34.26
CA ARG A 267 14.95 -8.27 35.05
C ARG A 267 14.97 -9.60 34.28
N TRP A 268 15.31 -9.61 32.99
CA TRP A 268 15.15 -10.81 32.15
C TRP A 268 16.35 -10.99 31.22
N LYS A 269 16.82 -12.24 31.10
CA LYS A 269 17.74 -12.67 30.01
C LYS A 269 17.10 -13.85 29.28
N PRO A 270 17.58 -14.17 28.07
CA PRO A 270 16.93 -15.20 27.24
C PRO A 270 16.85 -16.59 27.89
N SER A 271 17.88 -17.05 28.59
CA SER A 271 17.91 -18.35 29.30
C SER A 271 17.09 -18.32 30.61
N ASP A 272 16.52 -17.18 31.01
CA ASP A 272 15.60 -17.18 32.18
C ASP A 272 14.36 -18.04 31.84
N ILE A 273 13.72 -18.56 32.89
CA ILE A 273 12.67 -19.62 32.84
C ILE A 273 11.33 -19.04 33.33
N VAL A 274 10.25 -19.43 32.68
CA VAL A 274 8.86 -19.15 33.12
C VAL A 274 8.15 -20.49 33.13
N ASP A 275 7.36 -20.70 34.18
CA ASP A 275 6.50 -21.89 34.33
C ASP A 275 5.14 -21.55 33.70
N VAL A 276 4.80 -22.20 32.60
CA VAL A 276 3.51 -21.91 31.88
C VAL A 276 2.52 -23.06 32.11
N TYR A 277 2.86 -24.06 32.91
CA TYR A 277 1.88 -25.14 33.20
C TYR A 277 0.69 -24.54 33.93
N PRO A 278 -0.55 -25.02 33.69
CA PRO A 278 -0.87 -26.08 32.72
C PRO A 278 -1.33 -25.55 31.34
N GLY A 279 -0.78 -24.44 30.87
CA GLY A 279 -1.08 -23.87 29.54
C GLY A 279 -2.29 -22.93 29.55
N THR A 280 -2.78 -22.59 30.74
CA THR A 280 -3.84 -21.59 30.98
C THR A 280 -3.47 -20.80 32.23
N LEU A 281 -4.07 -19.61 32.34
CA LEU A 281 -3.94 -18.73 33.53
C LEU A 281 -5.22 -17.89 33.70
N GLN A 282 -6.00 -18.14 34.75
CA GLN A 282 -7.18 -17.31 35.14
C GLN A 282 -6.72 -15.97 35.74
N ILE A 283 -7.38 -14.87 35.35
CA ILE A 283 -7.35 -13.56 36.08
C ILE A 283 -8.80 -13.06 36.18
N GLY A 284 -9.36 -13.18 37.39
CA GLY A 284 -10.81 -13.11 37.64
C GLY A 284 -11.59 -13.87 36.58
N ARG A 285 -12.49 -13.17 35.90
CA ARG A 285 -13.44 -13.74 34.92
C ARG A 285 -12.66 -14.34 33.75
N TYR A 286 -11.55 -13.73 33.35
CA TYR A 286 -10.81 -14.02 32.10
C TYR A 286 -9.81 -15.18 32.35
N THR A 287 -9.58 -15.98 31.30
CA THR A 287 -8.60 -17.10 31.27
C THR A 287 -7.68 -16.92 30.05
N ILE A 288 -6.38 -16.80 30.27
CA ILE A 288 -5.39 -16.75 29.17
C ILE A 288 -5.13 -18.19 28.73
N ARG A 289 -5.08 -18.47 27.43
CA ARG A 289 -4.96 -19.86 26.98
C ARG A 289 -3.88 -19.96 25.89
N ASP A 290 -3.05 -21.00 26.02
CA ASP A 290 -1.99 -21.34 25.03
C ASP A 290 -2.60 -22.32 24.01
N VAL A 291 -2.16 -22.24 22.76
CA VAL A 291 -2.52 -23.24 21.72
C VAL A 291 -2.01 -24.61 22.16
N SER A 292 -0.72 -24.73 22.47
CA SER A 292 -0.08 -25.98 22.95
CA SER A 292 -0.11 -25.99 22.96
C SER A 292 0.08 -25.90 24.48
N ARG A 293 -0.34 -26.94 25.19
CA ARG A 293 -0.48 -26.94 26.67
C ARG A 293 0.17 -28.21 27.26
N ASN A 294 1.35 -28.60 26.74
CA ASN A 294 2.20 -29.69 27.29
C ASN A 294 3.56 -29.14 27.71
N SER A 295 3.59 -27.93 28.24
CA SER A 295 4.82 -27.28 28.76
C SER A 295 4.68 -26.91 30.25
N ARG A 296 5.84 -26.87 30.94
CA ARG A 296 5.96 -26.29 32.29
C ARG A 296 7.01 -25.20 32.21
N GLN A 297 8.30 -25.54 32.35
CA GLN A 297 9.38 -24.54 32.20
C GLN A 297 9.68 -24.30 30.72
N LEU A 298 9.65 -23.03 30.33
CA LEU A 298 10.15 -22.56 29.03
C LEU A 298 11.13 -21.43 29.27
N ASP A 299 12.20 -21.37 28.51
CA ASP A 299 13.06 -20.14 28.46
C ASP A 299 12.38 -19.11 27.51
N LEU A 300 12.84 -17.88 27.57
CA LEU A 300 12.18 -16.75 26.87
C LEU A 300 12.19 -17.05 25.37
N THR A 301 13.24 -17.71 24.86
CA THR A 301 13.29 -18.08 23.42
C THR A 301 12.18 -19.10 23.17
N GLY A 302 12.07 -20.12 24.04
CA GLY A 302 11.00 -21.12 23.94
C GLY A 302 9.63 -20.49 24.00
N ILE A 303 9.46 -19.41 24.78
CA ILE A 303 8.15 -18.71 24.87
C ILE A 303 7.79 -18.18 23.46
N LEU A 304 8.78 -17.74 22.69
CA LEU A 304 8.54 -17.26 21.30
C LEU A 304 8.31 -18.44 20.36
N ILE A 305 9.13 -19.49 20.44
CA ILE A 305 9.03 -20.66 19.52
C ILE A 305 7.61 -21.24 19.66
N LYS A 306 7.12 -21.44 20.87
CA LYS A 306 5.83 -22.10 21.18
C LYS A 306 4.73 -21.05 21.18
N SER A 307 5.10 -19.79 21.00
CA SER A 307 4.16 -18.65 21.06
C SER A 307 3.24 -18.81 22.28
N SER A 308 3.80 -18.91 23.50
CA SER A 308 3.03 -19.10 24.75
C SER A 308 2.48 -17.76 25.23
N ASN A 309 1.17 -17.64 25.29
CA ASN A 309 0.41 -16.47 25.76
C ASN A 309 0.62 -16.34 27.26
N VAL A 310 0.57 -17.48 27.93
CA VAL A 310 0.75 -17.56 29.41
C VAL A 310 2.16 -17.04 29.72
N GLY A 311 3.19 -17.51 29.00
CA GLY A 311 4.58 -17.07 29.25
C GLY A 311 4.75 -15.57 29.08
N ILE A 312 4.32 -15.03 27.94
CA ILE A 312 4.55 -13.59 27.68
C ILE A 312 3.75 -12.79 28.72
N SER A 313 2.61 -13.32 29.15
CA SER A 313 1.72 -12.63 30.14
C SER A 313 2.42 -12.48 31.50
N LYS A 314 3.02 -13.57 32.02
CA LYS A 314 3.76 -13.56 33.30
C LYS A 314 4.94 -12.58 33.27
N ILE A 315 5.68 -12.53 32.15
CA ILE A 315 6.78 -11.56 31.93
C ILE A 315 6.16 -10.17 31.99
N ALA A 316 5.02 -9.96 31.32
CA ALA A 316 4.37 -8.63 31.23
C ALA A 316 3.94 -8.18 32.64
N PHE A 317 3.37 -9.10 33.45
CA PHE A 317 3.00 -8.78 34.86
C PHE A 317 4.24 -8.28 35.62
N ASP A 318 5.37 -8.94 35.40
CA ASP A 318 6.62 -8.68 36.16
C ASP A 318 7.19 -7.30 35.77
N ILE A 319 7.18 -6.95 34.47
CA ILE A 319 7.84 -5.69 33.98
C ILE A 319 6.83 -4.54 33.96
N GLY A 320 5.53 -4.84 33.87
CA GLY A 320 4.47 -3.81 33.82
C GLY A 320 4.15 -3.42 32.39
N ALA A 321 2.89 -3.13 32.12
CA ALA A 321 2.39 -2.86 30.76
C ALA A 321 3.07 -1.60 30.22
N GLU A 322 3.37 -0.64 31.09
CA GLU A 322 3.86 0.70 30.65
C GLU A 322 5.13 0.54 29.81
N SER A 323 6.04 -0.33 30.24
CA SER A 323 7.30 -0.59 29.51
C SER A 323 7.00 -1.11 28.11
N ILE A 324 5.99 -1.99 27.97
CA ILE A 324 5.64 -2.65 26.69
C ILE A 324 4.98 -1.61 25.78
N TYR A 325 3.99 -0.88 26.30
CA TYR A 325 3.31 0.24 25.61
C TYR A 325 4.34 1.18 24.96
N SER A 326 5.34 1.57 25.76
CA SER A 326 6.41 2.52 25.35
CA SER A 326 6.40 2.53 25.34
C SER A 326 7.22 1.96 24.17
N VAL A 327 7.60 0.68 24.21
CA VAL A 327 8.34 0.04 23.09
C VAL A 327 7.46 0.11 21.81
N MET A 328 6.21 -0.29 21.95
CA MET A 328 5.28 -0.40 20.81
C MET A 328 5.08 1.00 20.22
N GLN A 329 4.97 2.01 21.07
CA GLN A 329 4.79 3.41 20.63
CA GLN A 329 4.82 3.43 20.69
C GLN A 329 6.09 3.87 19.94
N GLN A 330 7.24 3.53 20.51
CA GLN A 330 8.53 4.01 19.96
C GLN A 330 8.77 3.40 18.57
N VAL A 331 8.32 2.18 18.30
CA VAL A 331 8.57 1.55 16.95
C VAL A 331 7.44 1.89 15.98
N GLY A 332 6.45 2.69 16.41
CA GLY A 332 5.51 3.39 15.51
C GLY A 332 4.11 2.81 15.47
N LEU A 333 3.80 1.83 16.33
CA LEU A 333 2.46 1.18 16.40
C LEU A 333 1.43 2.19 16.92
N GLY A 334 0.32 2.36 16.18
CA GLY A 334 -0.72 3.36 16.48
C GLY A 334 -0.23 4.80 16.32
N GLN A 335 0.86 5.02 15.57
CA GLN A 335 1.41 6.39 15.34
C GLN A 335 1.34 6.71 13.84
N ASP A 336 1.28 8.01 13.52
CA ASP A 336 1.30 8.52 12.13
C ASP A 336 2.65 8.14 11.53
N THR A 337 2.62 7.51 10.36
CA THR A 337 3.81 7.17 9.54
C THR A 337 4.42 8.40 8.86
N GLY A 338 3.64 9.48 8.66
CA GLY A 338 4.04 10.65 7.85
C GLY A 338 3.97 10.42 6.35
N LEU A 339 3.48 9.26 5.88
CA LEU A 339 3.46 8.97 4.43
C LEU A 339 2.40 9.83 3.71
N GLY A 340 1.32 10.24 4.40
CA GLY A 340 0.24 11.09 3.85
C GLY A 340 -0.47 10.41 2.70
N PHE A 341 -0.48 9.08 2.66
CA PHE A 341 -1.19 8.33 1.61
C PHE A 341 -2.68 8.46 1.89
N PRO A 342 -3.54 8.71 0.88
CA PRO A 342 -4.97 8.88 1.13
C PRO A 342 -5.65 7.71 1.85
N GLY A 343 -6.45 8.05 2.86
CA GLY A 343 -7.22 7.11 3.69
C GLY A 343 -6.32 6.38 4.67
N GLU A 344 -5.01 6.69 4.69
CA GLU A 344 -4.02 5.93 5.49
C GLU A 344 -4.42 5.97 6.97
N ARG A 345 -4.41 4.80 7.63
CA ARG A 345 -4.86 4.67 9.05
C ARG A 345 -3.63 4.68 9.98
N VAL A 346 -3.82 5.33 11.14
CA VAL A 346 -2.88 5.37 12.31
C VAL A 346 -3.14 4.15 13.19
N GLY A 347 -4.36 3.60 13.21
CA GLY A 347 -4.70 2.48 14.10
C GLY A 347 -4.77 2.92 15.57
N ASN A 348 -4.52 1.99 16.51
CA ASN A 348 -4.91 2.23 17.91
C ASN A 348 -4.05 1.40 18.88
N LEU A 349 -3.21 2.11 19.64
CA LEU A 349 -2.39 1.60 20.78
C LEU A 349 -2.97 2.25 22.02
N PRO A 350 -3.91 1.57 22.70
CA PRO A 350 -4.72 2.21 23.74
C PRO A 350 -3.83 2.46 24.95
N ASN A 351 -4.20 3.45 25.74
CA ASN A 351 -3.49 3.78 27.00
C ASN A 351 -4.48 3.64 28.16
N HIS A 352 -3.94 3.40 29.35
CA HIS A 352 -4.63 3.33 30.66
C HIS A 352 -3.78 4.07 31.69
N ARG A 353 -4.42 4.65 32.71
CA ARG A 353 -3.70 5.21 33.88
CA ARG A 353 -3.69 5.20 33.88
C ARG A 353 -3.19 4.02 34.71
N LYS A 354 -4.13 3.11 35.02
CA LYS A 354 -3.90 1.79 35.67
C LYS A 354 -3.98 0.72 34.59
N TRP A 355 -2.96 -0.10 34.45
CA TRP A 355 -3.08 -1.27 33.56
C TRP A 355 -3.48 -2.48 34.40
N PRO A 356 -4.76 -2.93 34.40
CA PRO A 356 -5.07 -4.14 35.15
C PRO A 356 -4.36 -5.33 34.49
N LYS A 357 -4.47 -6.50 35.10
CA LYS A 357 -3.79 -7.73 34.62
C LYS A 357 -4.35 -8.13 33.25
N ALA A 358 -5.67 -8.07 33.04
CA ALA A 358 -6.26 -8.55 31.76
C ALA A 358 -5.71 -7.70 30.61
N GLU A 359 -5.70 -6.36 30.76
CA GLU A 359 -5.24 -5.43 29.68
C GLU A 359 -3.74 -5.63 29.45
N THR A 360 -2.99 -5.85 30.56
CA THR A 360 -1.52 -6.07 30.54
C THR A 360 -1.21 -7.29 29.66
N ALA A 361 -1.91 -8.39 29.88
CA ALA A 361 -1.67 -9.66 29.14
C ALA A 361 -2.04 -9.46 27.68
N THR A 362 -3.25 -8.96 27.42
CA THR A 362 -3.76 -8.81 26.04
C THR A 362 -2.78 -7.96 25.24
N LEU A 363 -2.28 -6.87 25.80
CA LEU A 363 -1.30 -6.01 25.08
C LEU A 363 -0.05 -6.83 24.74
N ALA A 364 0.44 -7.63 25.69
CA ALA A 364 1.70 -8.35 25.55
C ALA A 364 1.62 -9.39 24.43
N TYR A 365 0.47 -10.05 24.23
CA TYR A 365 0.28 -10.98 23.08
C TYR A 365 -0.54 -10.36 21.93
N GLY A 366 -0.76 -9.05 21.94
CA GLY A 366 -1.15 -8.31 20.72
C GLY A 366 -2.64 -8.32 20.44
N TYR A 367 -3.46 -8.34 21.49
CA TYR A 367 -4.94 -8.18 21.39
C TYR A 367 -5.27 -6.78 21.95
N GLY A 368 -6.37 -6.17 21.51
CA GLY A 368 -6.80 -4.85 22.02
C GLY A 368 -5.98 -3.68 21.48
N LEU A 369 -4.99 -3.92 20.61
CA LEU A 369 -4.38 -2.86 19.78
C LEU A 369 -4.61 -3.20 18.30
N SER A 370 -4.53 -2.19 17.46
CA SER A 370 -4.78 -2.34 16.00
C SER A 370 -3.72 -1.54 15.25
N VAL A 371 -3.15 -2.18 14.24
CA VAL A 371 -2.04 -1.65 13.39
C VAL A 371 -2.38 -1.88 11.91
N THR A 372 -1.63 -1.22 11.03
CA THR A 372 -1.62 -1.48 9.56
C THR A 372 -0.44 -2.38 9.27
N ALA A 373 -0.46 -3.02 8.11
CA ALA A 373 0.65 -3.86 7.64
C ALA A 373 1.91 -3.00 7.50
N ILE A 374 1.78 -1.74 7.03
CA ILE A 374 2.92 -0.81 6.86
CA ILE A 374 2.98 -0.88 6.85
C ILE A 374 3.61 -0.62 8.22
N GLN A 375 2.79 -0.35 9.24
CA GLN A 375 3.25 -0.07 10.63
C GLN A 375 3.99 -1.30 11.16
N LEU A 376 3.42 -2.48 10.95
CA LEU A 376 3.97 -3.74 11.51
C LEU A 376 5.31 -3.99 10.80
N ALA A 377 5.37 -3.72 9.49
CA ALA A 377 6.62 -3.83 8.71
C ALA A 377 7.64 -2.83 9.26
N HIS A 378 7.22 -1.59 9.54
CA HIS A 378 8.13 -0.51 9.96
C HIS A 378 8.73 -0.91 11.32
N ALA A 379 7.95 -1.54 12.18
CA ALA A 379 8.42 -1.98 13.52
C ALA A 379 9.46 -3.09 13.35
N TYR A 380 9.21 -4.07 12.50
CA TYR A 380 10.19 -5.14 12.21
C TYR A 380 11.44 -4.55 11.58
N ALA A 381 11.29 -3.52 10.72
CA ALA A 381 12.47 -2.81 10.15
C ALA A 381 13.35 -2.22 11.25
N ALA A 382 12.79 -1.47 12.21
CA ALA A 382 13.54 -0.87 13.35
C ALA A 382 14.30 -1.97 14.11
N LEU A 383 13.64 -3.09 14.41
CA LEU A 383 14.22 -4.21 15.21
C LEU A 383 15.40 -4.82 14.42
N ALA A 384 15.21 -4.97 13.11
CA ALA A 384 16.20 -5.55 12.17
C ALA A 384 17.37 -4.58 11.99
N ASN A 385 17.13 -3.28 12.08
CA ASN A 385 18.18 -2.22 11.90
C ASN A 385 18.85 -1.89 13.25
N ASP A 386 19.15 -2.95 14.03
CA ASP A 386 19.78 -2.88 15.39
C ASP A 386 19.05 -1.83 16.23
N GLY A 387 17.72 -1.81 16.16
CA GLY A 387 16.86 -0.97 17.01
C GLY A 387 16.75 0.47 16.56
N LYS A 388 17.24 0.80 15.37
CA LYS A 388 17.16 2.17 14.81
C LYS A 388 16.07 2.21 13.70
N SER A 389 15.06 3.05 13.92
CA SER A 389 13.93 3.29 13.00
C SER A 389 14.29 4.42 12.02
N VAL A 390 14.50 4.06 10.78
CA VAL A 390 14.61 5.05 9.65
C VAL A 390 13.19 5.38 9.17
N PRO A 391 12.87 6.69 9.02
CA PRO A 391 11.52 7.13 8.67
C PRO A 391 11.08 6.57 7.30
N LEU A 392 9.78 6.32 7.20
CA LEU A 392 9.15 5.61 6.07
C LEU A 392 9.18 6.53 4.84
N SER A 393 9.44 5.94 3.69
CA SER A 393 9.31 6.60 2.35
C SER A 393 8.60 5.68 1.35
N MET A 394 7.74 6.32 0.51
CA MET A 394 7.10 5.75 -0.70
CA MET A 394 7.14 5.68 -0.70
C MET A 394 7.82 6.22 -1.97
N THR A 395 8.76 7.14 -1.82
CA THR A 395 9.55 7.75 -2.92
C THR A 395 11.02 7.35 -2.77
N ARG A 396 11.76 7.31 -3.87
CA ARG A 396 13.16 6.85 -3.86
C ARG A 396 13.96 7.76 -2.91
N VAL A 397 14.76 7.13 -2.04
CA VAL A 397 15.57 7.83 -1.01
C VAL A 397 17.03 7.77 -1.50
N ASP A 398 17.59 8.92 -1.86
CA ASP A 398 19.01 9.04 -2.30
C ASP A 398 19.86 9.44 -1.08
N ARG A 399 19.38 10.39 -0.28
CA ARG A 399 20.01 10.89 0.96
C ARG A 399 19.14 10.38 2.10
N VAL A 400 19.67 9.41 2.83
CA VAL A 400 18.89 8.71 3.87
C VAL A 400 18.86 9.60 5.10
N PRO A 401 17.69 9.93 5.67
CA PRO A 401 17.65 10.77 6.86
C PRO A 401 18.19 9.93 8.03
N ASP A 402 18.70 10.59 9.07
CA ASP A 402 19.11 9.95 10.34
C ASP A 402 17.90 9.23 10.92
N GLY A 403 18.05 7.99 11.34
CA GLY A 403 16.99 7.28 12.07
C GLY A 403 17.03 7.59 13.57
N VAL A 404 16.09 7.07 14.35
CA VAL A 404 16.08 7.33 15.81
C VAL A 404 16.21 5.98 16.51
N GLN A 405 17.15 5.92 17.46
CA GLN A 405 17.38 4.67 18.22
C GLN A 405 16.15 4.47 19.11
N VAL A 406 15.35 3.45 18.86
CA VAL A 406 14.08 3.25 19.62
C VAL A 406 14.22 2.04 20.56
N ILE A 407 15.10 1.09 20.24
CA ILE A 407 15.46 -0.08 21.09
C ILE A 407 16.98 -0.08 21.17
N SER A 408 17.52 -0.32 22.35
CA SER A 408 18.99 -0.35 22.51
C SER A 408 19.55 -1.35 21.51
N PRO A 409 20.71 -1.07 20.87
CA PRO A 409 21.29 -1.99 19.89
C PRO A 409 21.51 -3.41 20.42
N GLU A 410 21.99 -3.56 21.65
CA GLU A 410 22.23 -4.93 22.23
C GLU A 410 20.90 -5.69 22.33
N VAL A 411 19.87 -5.04 22.87
CA VAL A 411 18.54 -5.67 23.06
C VAL A 411 17.99 -6.07 21.68
N ALA A 412 18.13 -5.19 20.68
CA ALA A 412 17.64 -5.47 19.31
C ALA A 412 18.38 -6.71 18.77
N SER A 413 19.70 -6.75 18.97
CA SER A 413 20.57 -7.87 18.51
CA SER A 413 20.55 -7.88 18.48
C SER A 413 20.12 -9.18 19.18
N THR A 414 19.83 -9.13 20.48
CA THR A 414 19.39 -10.33 21.24
C THR A 414 18.06 -10.82 20.69
N VAL A 415 17.11 -9.90 20.49
CA VAL A 415 15.75 -10.28 20.01
C VAL A 415 15.86 -10.82 18.56
N GLN A 416 16.67 -10.21 17.70
CA GLN A 416 16.97 -10.76 16.35
C GLN A 416 17.33 -12.23 16.48
N GLY A 417 18.29 -12.55 17.34
CA GLY A 417 18.76 -13.94 17.46
C GLY A 417 17.65 -14.89 17.90
N MET A 418 16.78 -14.40 18.79
CA MET A 418 15.64 -15.20 19.29
C MET A 418 14.72 -15.46 18.10
N LEU A 419 14.52 -14.46 17.24
CA LEU A 419 13.57 -14.61 16.09
C LEU A 419 14.17 -15.55 15.03
N GLN A 420 15.49 -15.59 14.91
CA GLN A 420 16.19 -16.56 14.03
C GLN A 420 15.88 -17.98 14.53
N GLN A 421 16.00 -18.21 15.86
CA GLN A 421 15.64 -19.50 16.50
C GLN A 421 14.17 -19.83 16.22
N VAL A 422 13.28 -18.82 16.26
CA VAL A 422 11.83 -19.07 15.99
C VAL A 422 11.70 -19.74 14.62
N VAL A 423 12.54 -19.37 13.65
CA VAL A 423 12.53 -19.92 12.27
C VAL A 423 13.35 -21.21 12.21
N GLU A 424 14.48 -21.28 12.93
CA GLU A 424 15.53 -22.30 12.63
C GLU A 424 15.47 -23.47 13.62
N ALA A 425 14.92 -23.29 14.81
CA ALA A 425 14.99 -24.25 15.93
C ALA A 425 13.92 -25.35 15.81
N GLN A 426 14.16 -26.50 16.43
CA GLN A 426 13.13 -27.59 16.51
CA GLN A 426 13.13 -27.58 16.46
C GLN A 426 11.84 -27.00 17.08
N GLY A 427 10.71 -27.30 16.44
CA GLY A 427 9.37 -26.85 16.89
C GLY A 427 9.05 -25.47 16.35
N GLY A 428 9.97 -24.90 15.56
CA GLY A 428 9.89 -23.53 15.07
C GLY A 428 9.13 -23.41 13.76
N VAL A 429 9.08 -22.21 13.20
CA VAL A 429 8.33 -21.93 11.93
C VAL A 429 9.25 -22.26 10.74
N PHE A 430 9.46 -23.55 10.48
CA PHE A 430 10.49 -24.06 9.53
C PHE A 430 10.08 -23.69 8.11
N ARG A 431 8.79 -23.48 7.86
CA ARG A 431 8.31 -23.10 6.51
C ARG A 431 8.73 -21.66 6.17
N ALA A 432 9.17 -20.84 7.13
CA ALA A 432 9.65 -19.47 6.86
C ALA A 432 11.13 -19.48 6.46
N GLN A 433 11.81 -20.61 6.61
CA GLN A 433 13.25 -20.72 6.27
C GLN A 433 13.48 -20.29 4.81
N VAL A 434 14.54 -19.52 4.56
CA VAL A 434 14.87 -18.98 3.20
C VAL A 434 16.11 -19.74 2.77
N PRO A 435 16.02 -20.55 1.71
CA PRO A 435 17.16 -21.34 1.27
C PRO A 435 18.34 -20.41 0.93
N GLY A 436 19.53 -20.75 1.45
CA GLY A 436 20.81 -20.03 1.30
C GLY A 436 21.02 -18.97 2.36
N TYR A 437 19.98 -18.65 3.15
CA TYR A 437 20.02 -17.51 4.09
C TYR A 437 19.55 -17.96 5.47
N HIS A 438 20.03 -17.26 6.48
CA HIS A 438 19.40 -17.22 7.82
C HIS A 438 18.32 -16.14 7.79
N ALA A 439 17.14 -16.50 8.22
CA ALA A 439 15.99 -15.58 8.34
C ALA A 439 15.48 -15.67 9.78
N ALA A 440 14.75 -14.64 10.16
CA ALA A 440 14.19 -14.45 11.50
C ALA A 440 12.79 -13.88 11.35
N GLY A 441 11.86 -14.30 12.21
CA GLY A 441 10.56 -13.63 12.36
C GLY A 441 9.65 -14.37 13.29
N LYS A 442 8.35 -14.06 13.22
CA LYS A 442 7.31 -14.47 14.17
C LYS A 442 6.01 -14.61 13.37
N SER A 443 5.35 -15.74 13.53
CA SER A 443 3.97 -16.04 13.07
C SER A 443 2.95 -15.42 14.04
N GLY A 444 1.76 -15.17 13.55
CA GLY A 444 0.60 -14.78 14.37
C GLY A 444 -0.71 -15.23 13.70
N THR A 445 -1.74 -15.38 14.53
CA THR A 445 -3.10 -15.81 14.20
C THR A 445 -4.02 -14.97 15.08
N ALA A 446 -5.04 -14.36 14.49
CA ALA A 446 -6.00 -13.42 15.13
C ALA A 446 -7.41 -13.59 14.55
N ARG A 447 -8.42 -13.15 15.29
CA ARG A 447 -9.87 -13.28 14.95
C ARG A 447 -10.45 -11.93 14.54
N ALA A 460 -13.56 -17.34 11.75
CA ALA A 460 -12.89 -16.41 10.81
C ALA A 460 -11.57 -15.88 11.41
N TYR A 461 -10.48 -16.10 10.70
CA TYR A 461 -9.10 -15.89 11.19
C TYR A 461 -8.35 -14.98 10.22
N ARG A 462 -7.34 -14.30 10.77
CA ARG A 462 -6.30 -13.64 9.98
C ARG A 462 -4.95 -14.32 10.27
N SER A 463 -4.23 -14.68 9.21
CA SER A 463 -2.92 -15.41 9.26
CA SER A 463 -2.93 -15.40 9.27
C SER A 463 -1.76 -14.45 9.00
N LEU A 464 -0.82 -14.31 9.96
CA LEU A 464 0.28 -13.29 9.86
C LEU A 464 1.66 -13.92 9.88
N PHE A 465 2.60 -13.34 9.15
CA PHE A 465 4.04 -13.61 9.35
C PHE A 465 4.81 -12.31 9.11
N ALA A 466 5.69 -12.01 10.08
CA ALA A 466 6.51 -10.81 10.02
C ALA A 466 7.95 -11.21 10.27
N GLY A 467 8.87 -10.76 9.40
CA GLY A 467 10.26 -11.21 9.48
C GLY A 467 11.26 -10.33 8.76
N PHE A 468 12.50 -10.76 8.77
CA PHE A 468 13.61 -10.00 8.12
C PHE A 468 14.73 -10.96 7.80
N ALA A 469 15.63 -10.49 6.97
CA ALA A 469 16.74 -11.32 6.46
C ALA A 469 17.72 -10.44 5.70
N PRO A 470 18.98 -10.91 5.53
CA PRO A 470 19.51 -12.08 6.24
C PRO A 470 19.85 -11.74 7.70
N ALA A 471 19.75 -12.72 8.61
CA ALA A 471 19.88 -12.53 10.08
C ALA A 471 21.24 -11.90 10.39
N THR A 472 22.29 -12.26 9.66
CA THR A 472 23.67 -11.87 10.06
C THR A 472 23.91 -10.39 9.76
N ASP A 473 23.42 -9.83 8.63
CA ASP A 473 23.33 -8.36 8.40
C ASP A 473 22.00 -8.08 7.71
N PRO A 474 20.91 -7.77 8.46
CA PRO A 474 19.59 -7.63 7.85
C PRO A 474 19.47 -6.51 6.80
N ARG A 475 18.71 -6.83 5.74
CA ARG A 475 18.52 -5.90 4.60
C ARG A 475 17.02 -5.59 4.38
N ILE A 476 16.16 -6.60 4.56
CA ILE A 476 14.73 -6.57 4.14
C ILE A 476 13.86 -7.00 5.29
N ALA A 477 12.84 -6.22 5.63
CA ALA A 477 11.72 -6.65 6.50
C ALA A 477 10.48 -6.97 5.63
N MET A 478 9.65 -7.91 6.04
CA MET A 478 8.49 -8.32 5.21
C MET A 478 7.35 -8.66 6.15
N VAL A 479 6.12 -8.32 5.73
CA VAL A 479 4.88 -8.72 6.46
C VAL A 479 3.95 -9.32 5.42
N VAL A 480 3.49 -10.53 5.70
CA VAL A 480 2.43 -11.26 4.97
C VAL A 480 1.19 -11.32 5.86
N VAL A 481 0.07 -10.80 5.33
CA VAL A 481 -1.24 -10.91 6.00
C VAL A 481 -2.23 -11.56 5.03
N ILE A 482 -2.85 -12.68 5.41
CA ILE A 482 -3.87 -13.44 4.64
C ILE A 482 -5.18 -13.44 5.44
N ASP A 483 -6.24 -12.91 4.84
CA ASP A 483 -7.57 -12.78 5.47
C ASP A 483 -8.38 -14.03 5.17
N GLU A 484 -8.88 -14.66 6.23
CA GLU A 484 -9.87 -15.76 6.19
C GLU A 484 -9.42 -16.87 5.25
N PRO A 485 -8.29 -17.56 5.55
CA PRO A 485 -7.91 -18.76 4.81
C PRO A 485 -9.01 -19.77 5.14
N SER A 486 -9.28 -20.72 4.24
CA SER A 486 -10.51 -21.56 4.28
CA SER A 486 -10.51 -21.55 4.30
C SER A 486 -10.16 -23.05 4.41
N LYS A 487 -8.88 -23.41 4.51
CA LYS A 487 -8.47 -24.82 4.73
C LYS A 487 -8.30 -25.05 6.25
N ALA A 488 -8.28 -26.32 6.66
CA ALA A 488 -8.25 -26.76 8.08
C ALA A 488 -7.03 -26.10 8.75
N GLY A 489 -6.00 -25.74 7.96
CA GLY A 489 -4.80 -25.01 8.43
C GLY A 489 -4.97 -23.51 8.22
N TYR A 490 -4.97 -22.75 9.33
CA TYR A 490 -5.24 -21.28 9.39
C TYR A 490 -4.12 -20.55 10.14
N PHE A 491 -3.25 -21.25 10.86
CA PHE A 491 -2.13 -20.63 11.60
C PHE A 491 -1.20 -19.90 10.62
N GLY A 492 -0.74 -18.73 11.04
CA GLY A 492 0.28 -17.93 10.36
C GLY A 492 1.47 -18.74 9.86
N GLY A 493 1.92 -19.69 10.69
CA GLY A 493 3.07 -20.57 10.41
C GLY A 493 2.81 -21.51 9.24
N LEU A 494 1.55 -21.81 8.94
CA LEU A 494 1.18 -22.71 7.81
C LEU A 494 0.85 -21.87 6.57
N VAL A 495 0.10 -20.78 6.76
CA VAL A 495 -0.53 -19.98 5.66
C VAL A 495 0.44 -18.89 5.18
N SER A 496 1.04 -18.10 6.08
CA SER A 496 1.79 -16.88 5.67
C SER A 496 3.29 -17.17 5.56
N ALA A 497 3.84 -18.06 6.40
CA ALA A 497 5.30 -18.33 6.45
C ALA A 497 5.83 -18.77 5.09
N PRO A 498 5.19 -19.72 4.36
CA PRO A 498 5.72 -20.19 3.08
C PRO A 498 5.80 -19.08 2.02
N VAL A 499 4.92 -18.08 2.13
CA VAL A 499 4.90 -16.92 1.21
C VAL A 499 6.12 -16.07 1.55
N PHE A 500 6.31 -15.80 2.84
CA PHE A 500 7.53 -15.10 3.33
C PHE A 500 8.75 -15.76 2.70
N SER A 501 8.91 -17.08 2.86
CA SER A 501 10.07 -17.83 2.32
C SER A 501 10.26 -17.49 0.83
N LYS A 502 9.24 -17.73 0.00
CA LYS A 502 9.35 -17.60 -1.48
C LYS A 502 9.75 -16.17 -1.82
N VAL A 503 9.05 -15.20 -1.26
CA VAL A 503 9.19 -13.76 -1.64
C VAL A 503 10.54 -13.27 -1.11
N MET A 504 10.88 -13.62 0.14
CA MET A 504 12.16 -13.18 0.72
C MET A 504 13.31 -13.73 -0.14
N ALA A 505 13.27 -15.01 -0.51
CA ALA A 505 14.28 -15.67 -1.38
C ALA A 505 14.45 -14.86 -2.67
N GLY A 506 13.35 -14.59 -3.36
CA GLY A 506 13.36 -13.86 -4.63
C GLY A 506 13.91 -12.46 -4.47
N ALA A 507 13.47 -11.72 -3.44
CA ALA A 507 13.87 -10.32 -3.19
C ALA A 507 15.38 -10.26 -2.89
N LEU A 508 15.94 -11.21 -2.13
CA LEU A 508 17.39 -11.17 -1.77
C LEU A 508 18.23 -11.49 -3.01
N ARG A 509 17.79 -12.44 -3.84
CA ARG A 509 18.48 -12.75 -5.12
C ARG A 509 18.43 -11.51 -6.04
N LEU A 510 17.27 -10.86 -6.21
CA LEU A 510 17.13 -9.68 -7.13
C LEU A 510 18.02 -8.52 -6.62
N MET A 511 18.23 -8.43 -5.31
CA MET A 511 19.01 -7.32 -4.71
C MET A 511 20.47 -7.76 -4.55
N ASN A 512 20.83 -8.95 -5.06
CA ASN A 512 22.23 -9.45 -5.07
C ASN A 512 22.76 -9.50 -3.63
N VAL A 513 21.91 -9.85 -2.67
CA VAL A 513 22.32 -9.97 -1.26
C VAL A 513 23.11 -11.27 -1.11
N PRO A 514 24.34 -11.21 -0.56
CA PRO A 514 25.16 -12.42 -0.42
C PRO A 514 24.53 -13.44 0.51
N PRO A 515 24.42 -14.70 0.06
CA PRO A 515 23.98 -15.80 0.92
C PRO A 515 24.78 -15.82 2.23
N ASP A 516 24.12 -15.85 3.39
CA ASP A 516 24.82 -15.95 4.69
C ASP A 516 24.67 -17.35 5.34
N ASN A 517 24.16 -18.37 4.63
CA ASN A 517 23.96 -19.71 5.27
C ASN A 517 24.50 -20.84 4.37
C3 OEE B . -1.43 -16.02 19.29
C6 OEE B . -3.52 -17.20 19.03
C9 OEE B . -6.70 -17.65 17.15
C1 OEE B . -0.20 -18.06 18.36
O2 OEE B . -3.52 -17.68 20.17
O1 OEE B . -4.52 -17.50 18.03
C7 OEE B . -5.81 -18.02 18.33
C10 OEE B . -6.39 -17.40 19.61
C8 OEE B . -5.71 -19.54 18.55
N OEE B . -2.61 -16.37 18.54
C4 OEE B . -1.70 -15.00 20.42
C5 OEE B . -0.55 -15.26 18.38
O OEE B . -0.89 -14.89 17.24
C2 OEE B . -0.61 -17.31 19.65
O3 OEE B . 0.88 -17.71 17.64
C OEE B . -0.93 -19.08 17.93
C1 GOL C . 12.47 11.63 -7.94
O1 GOL C . 12.27 12.77 -8.76
C2 GOL C . 11.43 11.51 -6.85
O2 GOL C . 11.69 10.30 -6.15
C3 GOL C . 11.39 12.68 -5.88
O3 GOL C . 11.32 12.24 -4.51
C1 GOL D . -3.77 -28.87 24.28
O1 GOL D . -4.47 -29.88 24.99
C2 GOL D . -2.96 -29.49 23.18
O2 GOL D . -3.29 -28.89 21.93
C3 GOL D . -1.47 -29.47 23.43
O3 GOL D . -0.96 -30.80 23.60
C1 GOL E . -5.16 -8.15 4.27
O1 GOL E . -5.30 -7.10 3.31
C2 GOL E . -5.13 -7.56 5.65
O2 GOL E . -6.39 -6.93 5.90
C3 GOL E . -3.93 -6.63 5.81
O3 GOL E . -4.28 -5.32 6.26
#